data_9R1W
#
_entry.id   9R1W
#
_cell.length_a   113.048
_cell.length_b   103.921
_cell.length_c   70.799
_cell.angle_alpha   90.000
_cell.angle_beta   115.435
_cell.angle_gamma   90.000
#
_symmetry.space_group_name_H-M   'C 1 2 1'
#
loop_
_entity.id
_entity.type
_entity.pdbx_description
1 polymer 'Serine/threonine-protein kinase PLK1'
2 non-polymer (2~{Z})-2-cyano-2-[3-ethyl-5-[(~{E})-[2-[methyl-(1-methylpiperidin-4-yl)amino]pyridin-4-yl]iminomethyl]-4-oxidanylidene-1,3-thiazol-2-ylidene]-~{N}-[2,2,2-tris(fluoranyl)ethyl]ethanamide
3 non-polymer 'SULFATE ION'
4 non-polymer GLYCEROL
5 non-polymer 'CHLORIDE ION'
6 water water
#
_entity_poly.entity_id   1
_entity_poly.type   'polypeptide(L)'
_entity_poly.pdbx_seq_one_letter_code
;GSGKAGVPGVAAPGAPAAAPPAKEIPEVLVDPRSRRRYVRGRFLGKGGFAKCFEISDADTKEVFAGKIVPKSLLLKPHQR
EKMSMEISIHRSLAHQHVVGFHGFFEDNDFVFVVLELCRRRSLLELHKRRKALTEPEARYYLRQIVLGCQYLHRNRVIHR
DLKLGNLFLNEDLEVKIGDFGLATKVEYDGERKKTLCGTPNYIAPEVLSDAGHSFEVDVWSIGCIMYTLLVGKPPFETSC
LKETYLRIKKNEYSIPKHINPVAASLIQKMLQTDPTARPTINELLNDEFFTSGYIPARLPITCLTIPPRFSIAPSSLDPS
NRKPL
;
_entity_poly.pdbx_strand_id   AAA,BBB
#
# COMPACT_ATOMS: atom_id res chain seq x y z
N LYS A 23 37.05 11.95 -14.44
CA LYS A 23 37.25 10.74 -15.30
C LYS A 23 35.88 10.17 -15.69
N GLU A 24 35.55 10.17 -16.99
CA GLU A 24 34.22 9.83 -17.55
C GLU A 24 34.01 8.31 -17.39
N ILE A 25 32.76 7.86 -17.18
CA ILE A 25 32.40 6.43 -17.06
C ILE A 25 32.11 5.88 -18.46
N PRO A 26 32.71 4.74 -18.88
CA PRO A 26 32.49 4.22 -20.23
C PRO A 26 31.01 3.93 -20.55
N GLU A 27 30.59 4.22 -21.79
CA GLU A 27 29.21 3.99 -22.30
C GLU A 27 28.97 2.48 -22.42
N VAL A 28 30.02 1.72 -22.77
CA VAL A 28 30.03 0.23 -22.80
C VAL A 28 31.10 -0.26 -21.82
N LEU A 29 30.75 -1.20 -20.95
CA LEU A 29 31.66 -1.85 -19.98
C LEU A 29 32.12 -3.19 -20.58
N VAL A 30 33.43 -3.37 -20.76
CA VAL A 30 34.04 -4.61 -21.34
C VAL A 30 34.76 -5.36 -20.23
N ASP A 31 34.44 -6.66 -20.05
CA ASP A 31 35.20 -7.61 -19.19
C ASP A 31 36.43 -8.05 -19.97
N PRO A 32 37.66 -7.71 -19.52
CA PRO A 32 38.88 -8.10 -20.24
C PRO A 32 39.10 -9.61 -20.33
N ARG A 33 38.59 -10.37 -19.35
CA ARG A 33 38.83 -11.84 -19.21
C ARG A 33 37.77 -12.64 -19.97
N SER A 34 36.50 -12.57 -19.53
CA SER A 34 35.38 -13.41 -20.07
C SER A 34 34.87 -12.84 -21.41
N ARG A 35 35.33 -11.66 -21.82
CA ARG A 35 35.03 -11.00 -23.13
C ARG A 35 33.58 -10.52 -23.18
N ARG A 36 32.82 -10.63 -22.08
CA ARG A 36 31.43 -10.12 -21.96
C ARG A 36 31.47 -8.59 -21.97
N ARG A 37 30.45 -7.96 -22.56
CA ARG A 37 30.35 -6.47 -22.67
C ARG A 37 28.92 -6.04 -22.34
N TYR A 38 28.80 -4.92 -21.62
CA TYR A 38 27.53 -4.37 -21.07
C TYR A 38 27.36 -2.92 -21.52
N VAL A 39 26.15 -2.55 -21.96
CA VAL A 39 25.78 -1.14 -22.32
C VAL A 39 25.17 -0.47 -21.09
N ARG A 40 25.82 0.59 -20.59
CA ARG A 40 25.37 1.39 -19.42
C ARG A 40 24.03 2.05 -19.75
N GLY A 41 22.97 1.64 -19.03
CA GLY A 41 21.59 2.16 -19.18
C GLY A 41 21.27 3.21 -18.13
N ARG A 42 20.02 3.21 -17.64
CA ARG A 42 19.46 4.19 -16.68
C ARG A 42 20.37 4.31 -15.45
N PHE A 43 20.61 5.52 -14.94
CA PHE A 43 21.22 5.78 -13.61
C PHE A 43 20.18 5.41 -12.54
N LEU A 44 20.55 4.56 -11.58
CA LEU A 44 19.63 4.00 -10.55
C LEU A 44 19.82 4.74 -9.21
N GLY A 45 21.05 5.13 -8.86
CA GLY A 45 21.36 5.81 -7.59
C GLY A 45 22.82 5.71 -7.23
N LYS A 46 23.23 6.46 -6.19
CA LYS A 46 24.63 6.55 -5.71
C LYS A 46 24.66 6.57 -4.19
N GLY A 47 25.79 6.21 -3.61
CA GLY A 47 26.04 6.22 -2.16
C GLY A 47 27.50 5.99 -1.85
N GLY A 48 28.09 6.80 -0.97
CA GLY A 48 29.52 6.76 -0.64
C GLY A 48 30.35 6.92 -1.90
N PHE A 49 31.25 5.98 -2.19
CA PHE A 49 32.19 6.07 -3.34
C PHE A 49 31.49 5.64 -4.64
N ALA A 50 30.33 4.98 -4.54
CA ALA A 50 29.73 4.14 -5.62
C ALA A 50 28.60 4.89 -6.34
N LYS A 51 28.47 4.61 -7.64
CA LYS A 51 27.26 4.92 -8.46
C LYS A 51 26.74 3.60 -9.04
N CYS A 52 25.43 3.51 -9.24
CA CYS A 52 24.74 2.29 -9.72
C CYS A 52 23.91 2.62 -10.96
N PHE A 53 24.02 1.77 -11.99
CA PHE A 53 23.31 1.92 -13.30
C PHE A 53 22.67 0.59 -13.68
N GLU A 54 21.57 0.67 -14.44
CA GLU A 54 20.99 -0.48 -15.18
C GLU A 54 21.93 -0.79 -16.34
N ILE A 55 22.35 -2.05 -16.48
CA ILE A 55 23.26 -2.51 -17.57
C ILE A 55 22.66 -3.77 -18.21
N SER A 56 22.97 -3.98 -19.49
CA SER A 56 22.44 -5.07 -20.33
C SER A 56 23.58 -5.72 -21.13
N ASP A 57 23.65 -7.05 -21.09
CA ASP A 57 24.59 -7.90 -21.89
C ASP A 57 24.36 -7.63 -23.38
N ALA A 58 25.40 -7.80 -24.21
CA ALA A 58 25.34 -7.55 -25.66
C ALA A 58 24.68 -8.73 -26.38
N ASP A 59 25.05 -9.97 -26.00
CA ASP A 59 24.61 -11.21 -26.69
C ASP A 59 23.27 -11.71 -26.10
N THR A 60 23.20 -11.89 -24.77
CA THR A 60 22.01 -12.43 -24.07
C THR A 60 20.94 -11.34 -23.95
N LYS A 61 21.34 -10.07 -23.85
CA LYS A 61 20.47 -8.88 -23.62
C LYS A 61 19.87 -8.94 -22.21
N GLU A 62 20.40 -9.81 -21.34
CA GLU A 62 19.97 -9.95 -19.93
C GLU A 62 20.35 -8.66 -19.19
N VAL A 63 19.44 -8.12 -18.38
CA VAL A 63 19.60 -6.82 -17.66
C VAL A 63 20.01 -7.10 -16.21
N PHE A 64 20.94 -6.30 -15.69
CA PHE A 64 21.49 -6.40 -14.31
C PHE A 64 21.61 -4.98 -13.73
N ALA A 65 22.01 -4.91 -12.46
CA ALA A 65 22.46 -3.66 -11.80
C ALA A 65 23.99 -3.62 -11.81
N GLY A 66 24.57 -2.53 -12.34
CA GLY A 66 26.02 -2.29 -12.39
C GLY A 66 26.46 -1.28 -11.33
N LYS A 67 27.10 -1.75 -10.27
CA LYS A 67 27.78 -0.91 -9.25
C LYS A 67 29.16 -0.53 -9.80
N ILE A 68 29.48 0.77 -9.84
CA ILE A 68 30.69 1.32 -10.54
C ILE A 68 31.41 2.29 -9.58
N VAL A 69 32.63 1.93 -9.18
CA VAL A 69 33.45 2.66 -8.17
C VAL A 69 34.73 3.15 -8.84
N PRO A 70 35.03 4.48 -8.82
CA PRO A 70 36.31 4.99 -9.31
C PRO A 70 37.49 4.52 -8.44
N LYS A 71 38.57 4.05 -9.06
CA LYS A 71 39.81 3.61 -8.37
C LYS A 71 40.49 4.81 -7.71
N SER A 72 40.23 6.03 -8.22
CA SER A 72 40.64 7.33 -7.63
C SER A 72 40.18 7.43 -6.17
N LEU A 73 39.05 6.80 -5.82
CA LEU A 73 38.48 6.81 -4.44
C LEU A 73 38.95 5.57 -3.65
N LEU A 74 39.66 4.64 -4.29
CA LEU A 74 40.13 3.36 -3.67
C LEU A 74 41.62 3.46 -3.28
N LEU A 75 42.25 4.63 -3.41
CA LEU A 75 43.69 4.83 -3.09
C LEU A 75 43.91 4.69 -1.59
N LYS A 76 43.13 5.41 -0.76
CA LYS A 76 43.18 5.28 0.72
C LYS A 76 43.04 3.80 1.05
N PRO A 77 44.04 3.14 1.68
CA PRO A 77 44.06 1.69 1.83
C PRO A 77 42.87 1.10 2.61
N HIS A 78 42.19 1.92 3.41
CA HIS A 78 40.96 1.56 4.18
C HIS A 78 39.77 1.38 3.21
N GLN A 79 39.80 2.10 2.08
CA GLN A 79 38.74 2.09 1.04
C GLN A 79 38.96 0.89 0.10
N ARG A 80 40.22 0.57 -0.22
CA ARG A 80 40.60 -0.61 -1.04
C ARG A 80 40.10 -1.87 -0.34
N GLU A 81 40.38 -2.01 0.97
CA GLU A 81 40.03 -3.19 1.79
C GLU A 81 38.51 -3.25 1.97
N LYS A 82 37.84 -2.10 2.04
CA LYS A 82 36.36 -2.01 2.14
C LYS A 82 35.74 -2.65 0.87
N MET A 83 36.11 -2.14 -0.30
CA MET A 83 35.65 -2.62 -1.64
C MET A 83 36.00 -4.10 -1.80
N SER A 84 37.21 -4.48 -1.42
CA SER A 84 37.73 -5.87 -1.49
C SER A 84 36.85 -6.79 -0.64
N MET A 85 36.55 -6.37 0.60
CA MET A 85 35.81 -7.19 1.59
C MET A 85 34.36 -7.35 1.13
N GLU A 86 33.74 -6.27 0.61
CA GLU A 86 32.35 -6.32 0.06
CA GLU A 86 32.35 -6.31 0.06
C GLU A 86 32.26 -7.43 -0.98
N ILE A 87 33.18 -7.44 -1.95
CA ILE A 87 33.22 -8.40 -3.08
C ILE A 87 33.47 -9.82 -2.55
N SER A 88 34.47 -9.98 -1.68
CA SER A 88 34.84 -11.29 -1.07
C SER A 88 33.61 -11.91 -0.39
N ILE A 89 32.90 -11.14 0.41
CA ILE A 89 31.72 -11.63 1.19
C ILE A 89 30.55 -11.86 0.23
N HIS A 90 30.24 -10.89 -0.62
CA HIS A 90 29.02 -10.92 -1.47
C HIS A 90 29.08 -12.08 -2.46
N ARG A 91 30.25 -12.31 -3.08
CA ARG A 91 30.42 -13.33 -4.16
C ARG A 91 30.22 -14.73 -3.58
N SER A 92 30.39 -14.92 -2.27
CA SER A 92 30.24 -16.22 -1.57
C SER A 92 28.77 -16.50 -1.20
N LEU A 93 27.86 -15.56 -1.43
CA LEU A 93 26.44 -15.61 -0.97
C LEU A 93 25.50 -15.89 -2.15
N ALA A 94 24.51 -16.74 -1.90
CA ALA A 94 23.41 -17.12 -2.82
C ALA A 94 22.19 -17.50 -1.98
N HIS A 95 21.20 -16.61 -1.92
CA HIS A 95 19.93 -16.81 -1.17
C HIS A 95 18.84 -15.95 -1.81
N GLN A 96 17.60 -16.43 -1.74
CA GLN A 96 16.37 -15.79 -2.26
C GLN A 96 16.22 -14.36 -1.73
N HIS A 97 16.75 -14.07 -0.54
CA HIS A 97 16.56 -12.77 0.16
C HIS A 97 17.90 -12.03 0.27
N VAL A 98 18.87 -12.40 -0.57
CA VAL A 98 20.17 -11.67 -0.72
C VAL A 98 20.34 -11.32 -2.20
N VAL A 99 20.69 -10.06 -2.49
CA VAL A 99 21.00 -9.57 -3.86
C VAL A 99 21.92 -10.61 -4.53
N GLY A 100 21.52 -11.15 -5.67
CA GLY A 100 22.34 -12.04 -6.51
C GLY A 100 23.62 -11.34 -6.94
N PHE A 101 24.76 -12.03 -6.81
CA PHE A 101 26.10 -11.55 -7.25
C PHE A 101 26.49 -12.31 -8.51
N HIS A 102 26.62 -11.63 -9.65
CA HIS A 102 26.83 -12.29 -10.98
C HIS A 102 28.31 -12.21 -11.39
N GLY A 103 29.09 -11.33 -10.78
CA GLY A 103 30.54 -11.25 -11.00
C GLY A 103 31.05 -9.83 -10.93
N PHE A 104 32.37 -9.64 -11.01
CA PHE A 104 33.04 -8.32 -11.01
C PHE A 104 34.23 -8.34 -11.96
N PHE A 105 34.64 -7.16 -12.41
CA PHE A 105 35.86 -6.92 -13.23
C PHE A 105 36.29 -5.46 -13.04
N GLU A 106 37.34 -5.01 -13.74
CA GLU A 106 37.89 -3.66 -13.53
C GLU A 106 38.64 -3.16 -14.78
N ASP A 107 38.42 -1.90 -15.12
CA ASP A 107 39.31 -1.14 -16.04
CA ASP A 107 39.27 -1.08 -16.02
C ASP A 107 40.38 -0.44 -15.18
N ASN A 108 41.20 0.43 -15.78
CA ASN A 108 42.33 1.12 -15.09
C ASN A 108 41.80 2.26 -14.20
N ASP A 109 40.52 2.64 -14.33
CA ASP A 109 39.94 3.80 -13.61
C ASP A 109 38.73 3.39 -12.75
N PHE A 110 38.22 2.16 -12.88
CA PHE A 110 36.92 1.74 -12.31
C PHE A 110 36.92 0.25 -11.94
N VAL A 111 36.21 -0.08 -10.87
CA VAL A 111 35.76 -1.46 -10.48
C VAL A 111 34.27 -1.58 -10.85
N PHE A 112 33.91 -2.66 -11.54
CA PHE A 112 32.53 -2.93 -12.03
C PHE A 112 31.98 -4.19 -11.34
N VAL A 113 30.85 -4.07 -10.63
CA VAL A 113 30.17 -5.20 -9.94
C VAL A 113 28.79 -5.39 -10.56
N VAL A 114 28.54 -6.58 -11.09
CA VAL A 114 27.28 -6.97 -11.79
C VAL A 114 26.39 -7.69 -10.78
N LEU A 115 25.24 -7.10 -10.46
CA LEU A 115 24.31 -7.58 -9.40
C LEU A 115 22.91 -7.81 -10.01
N GLU A 116 22.10 -8.60 -9.31
CA GLU A 116 20.64 -8.77 -9.57
C GLU A 116 19.99 -7.38 -9.57
N LEU A 117 19.27 -7.02 -10.63
CA LEU A 117 18.47 -5.78 -10.68
C LEU A 117 17.23 -5.98 -9.81
N CYS A 118 16.90 -4.97 -9.01
CA CYS A 118 15.70 -4.92 -8.13
C CYS A 118 14.88 -3.70 -8.58
N ARG A 119 13.88 -3.94 -9.43
CA ARG A 119 13.18 -2.91 -10.25
C ARG A 119 12.23 -2.06 -9.39
N ARG A 120 12.00 -2.42 -8.13
CA ARG A 120 11.06 -1.71 -7.23
C ARG A 120 11.82 -1.02 -6.09
N ARG A 121 13.05 -0.57 -6.36
CA ARG A 121 13.81 0.31 -5.44
C ARG A 121 13.98 -0.38 -4.09
N SER A 122 13.80 0.34 -2.98
CA SER A 122 14.15 -0.17 -1.62
C SER A 122 13.05 0.20 -0.62
N LEU A 123 13.10 -0.42 0.56
CA LEU A 123 12.17 -0.12 1.66
C LEU A 123 12.27 1.36 2.06
N LEU A 124 13.40 2.03 1.78
CA LEU A 124 13.54 3.48 2.09
C LEU A 124 12.50 4.28 1.30
N GLU A 125 12.36 4.01 0.01
CA GLU A 125 11.43 4.77 -0.88
C GLU A 125 9.99 4.42 -0.46
N LEU A 126 9.74 3.15 -0.15
CA LEU A 126 8.42 2.71 0.37
C LEU A 126 8.07 3.53 1.62
N HIS A 127 9.00 3.60 2.58
CA HIS A 127 8.81 4.29 3.88
C HIS A 127 8.55 5.78 3.66
N LYS A 128 9.29 6.42 2.76
CA LYS A 128 9.14 7.87 2.47
C LYS A 128 7.73 8.12 1.91
N ARG A 129 7.25 7.22 1.04
CA ARG A 129 5.96 7.38 0.32
C ARG A 129 4.79 7.05 1.26
N ARG A 130 4.89 5.97 2.04
CA ARG A 130 3.75 5.37 2.79
C ARG A 130 3.77 5.80 4.25
N LYS A 131 4.96 6.08 4.82
CA LYS A 131 5.16 6.27 6.28
C LYS A 131 4.84 4.92 6.96
N ALA A 132 4.12 4.93 8.08
CA ALA A 132 3.73 3.70 8.82
C ALA A 132 2.97 2.77 7.87
N LEU A 133 3.46 1.53 7.74
CA LEU A 133 2.77 0.45 7.00
C LEU A 133 1.68 -0.14 7.90
N THR A 134 0.77 -0.94 7.34
CA THR A 134 -0.14 -1.82 8.12
C THR A 134 0.72 -2.93 8.75
N GLU A 135 0.25 -3.55 9.82
CA GLU A 135 1.02 -4.60 10.55
C GLU A 135 1.29 -5.78 9.63
N PRO A 136 0.31 -6.28 8.84
CA PRO A 136 0.57 -7.41 7.94
C PRO A 136 1.64 -7.12 6.88
N GLU A 137 1.72 -5.90 6.37
CA GLU A 137 2.80 -5.47 5.44
C GLU A 137 4.15 -5.48 6.16
N ALA A 138 4.21 -4.88 7.35
CA ALA A 138 5.42 -4.87 8.18
C ALA A 138 5.91 -6.31 8.38
N ARG A 139 5.00 -7.19 8.78
CA ARG A 139 5.27 -8.64 9.03
C ARG A 139 5.78 -9.32 7.75
N TYR A 140 5.14 -9.06 6.60
CA TYR A 140 5.52 -9.61 5.28
C TYR A 140 7.00 -9.28 4.98
N TYR A 141 7.39 -8.02 5.09
CA TYR A 141 8.77 -7.55 4.78
C TYR A 141 9.77 -8.08 5.82
N LEU A 142 9.41 -7.96 7.11
CA LEU A 142 10.32 -8.31 8.23
C LEU A 142 10.65 -9.81 8.19
N ARG A 143 9.68 -10.67 7.86
CA ARG A 143 9.93 -12.13 7.77
C ARG A 143 11.03 -12.37 6.75
N GLN A 144 10.95 -11.72 5.58
CA GLN A 144 11.92 -11.89 4.47
C GLN A 144 13.28 -11.36 4.92
N ILE A 145 13.30 -10.19 5.57
CA ILE A 145 14.56 -9.58 6.11
C ILE A 145 15.21 -10.58 7.08
N VAL A 146 14.39 -11.20 7.94
CA VAL A 146 14.88 -12.12 8.99
C VAL A 146 15.44 -13.40 8.33
N LEU A 147 14.74 -13.94 7.32
CA LEU A 147 15.20 -15.17 6.60
C LEU A 147 16.55 -14.87 5.93
N GLY A 148 16.68 -13.74 5.23
CA GLY A 148 17.94 -13.31 4.60
C GLY A 148 19.06 -13.26 5.62
N CYS A 149 18.84 -12.61 6.75
CA CYS A 149 19.85 -12.42 7.83
CA CYS A 149 19.84 -12.43 7.83
C CYS A 149 20.17 -13.77 8.49
N GLN A 150 19.17 -14.65 8.62
CA GLN A 150 19.36 -16.02 9.16
C GLN A 150 20.35 -16.75 8.26
N TYR A 151 20.18 -16.66 6.93
CA TYR A 151 21.13 -17.24 5.93
C TYR A 151 22.52 -16.64 6.15
N LEU A 152 22.63 -15.31 6.32
CA LEU A 152 23.94 -14.63 6.53
C LEU A 152 24.62 -15.19 7.79
N HIS A 153 23.92 -15.16 8.93
CA HIS A 153 24.45 -15.57 10.26
C HIS A 153 24.90 -17.03 10.23
N ARG A 154 24.12 -17.90 9.57
CA ARG A 154 24.45 -19.34 9.41
C ARG A 154 25.75 -19.49 8.63
N ASN A 155 26.05 -18.54 7.72
CA ASN A 155 27.31 -18.53 6.93
C ASN A 155 28.34 -17.61 7.61
N ARG A 156 28.13 -17.28 8.89
CA ARG A 156 29.08 -16.50 9.74
C ARG A 156 29.33 -15.11 9.16
N VAL A 157 28.34 -14.52 8.49
CA VAL A 157 28.41 -13.12 7.98
C VAL A 157 27.55 -12.24 8.89
N ILE A 158 28.15 -11.17 9.43
CA ILE A 158 27.44 -10.04 10.07
C ILE A 158 27.41 -8.92 9.02
N HIS A 159 26.22 -8.43 8.68
CA HIS A 159 26.05 -7.37 7.65
C HIS A 159 26.52 -6.04 8.24
N ARG A 160 26.02 -5.72 9.44
CA ARG A 160 26.40 -4.56 10.30
C ARG A 160 25.92 -3.22 9.73
N ASP A 161 25.17 -3.20 8.63
CA ASP A 161 24.62 -1.93 8.11
C ASP A 161 23.24 -2.15 7.48
N LEU A 162 22.42 -3.01 8.08
CA LEU A 162 21.03 -3.22 7.59
C LEU A 162 20.27 -1.90 7.82
N LYS A 163 19.65 -1.38 6.77
CA LYS A 163 18.83 -0.15 6.77
C LYS A 163 17.80 -0.25 5.64
N LEU A 164 16.84 0.66 5.61
CA LEU A 164 15.74 0.61 4.60
C LEU A 164 16.35 0.69 3.20
N GLY A 165 17.43 1.45 3.05
CA GLY A 165 18.09 1.77 1.77
C GLY A 165 18.81 0.58 1.13
N ASN A 166 19.20 -0.45 1.89
CA ASN A 166 19.89 -1.64 1.31
C ASN A 166 19.03 -2.89 1.49
N LEU A 167 17.74 -2.70 1.72
CA LEU A 167 16.69 -3.74 1.65
C LEU A 167 15.90 -3.49 0.36
N PHE A 168 16.39 -4.08 -0.73
CA PHE A 168 15.89 -3.86 -2.10
C PHE A 168 14.65 -4.72 -2.32
N LEU A 169 13.81 -4.29 -3.26
CA LEU A 169 12.55 -4.96 -3.66
C LEU A 169 12.64 -5.29 -5.15
N ASN A 170 12.37 -6.54 -5.52
CA ASN A 170 12.32 -6.98 -6.94
C ASN A 170 10.91 -6.71 -7.47
N GLU A 171 10.63 -7.13 -8.71
CA GLU A 171 9.36 -6.88 -9.43
C GLU A 171 8.18 -7.34 -8.55
N ASP A 172 8.35 -8.48 -7.85
CA ASP A 172 7.30 -9.15 -7.04
C ASP A 172 7.32 -8.66 -5.58
N LEU A 173 8.08 -7.62 -5.25
CA LEU A 173 8.17 -7.06 -3.87
C LEU A 173 8.72 -8.14 -2.92
N GLU A 174 9.63 -8.98 -3.40
CA GLU A 174 10.50 -9.82 -2.53
C GLU A 174 11.68 -8.96 -2.08
N VAL A 175 12.04 -9.06 -0.80
CA VAL A 175 13.19 -8.33 -0.19
C VAL A 175 14.50 -9.01 -0.61
N LYS A 176 15.47 -8.20 -1.02
CA LYS A 176 16.87 -8.61 -1.31
C LYS A 176 17.82 -7.73 -0.47
N ILE A 177 18.57 -8.34 0.45
CA ILE A 177 19.62 -7.67 1.26
C ILE A 177 20.85 -7.45 0.38
N GLY A 178 21.34 -6.21 0.30
CA GLY A 178 22.54 -5.84 -0.46
C GLY A 178 23.46 -4.92 0.33
N ASP A 179 24.45 -4.33 -0.34
CA ASP A 179 25.46 -3.38 0.23
CA ASP A 179 25.46 -3.38 0.23
C ASP A 179 26.18 -4.05 1.40
N PHE A 180 27.14 -4.92 1.10
CA PHE A 180 27.95 -5.68 2.11
C PHE A 180 29.20 -4.89 2.48
N GLY A 181 29.16 -3.56 2.29
CA GLY A 181 30.31 -2.63 2.45
C GLY A 181 30.89 -2.61 3.85
N LEU A 182 30.10 -2.91 4.88
CA LEU A 182 30.56 -2.93 6.29
C LEU A 182 30.54 -4.36 6.82
N ALA A 183 30.18 -5.35 5.99
CA ALA A 183 30.01 -6.75 6.41
C ALA A 183 31.36 -7.33 6.82
N THR A 184 31.33 -8.30 7.74
CA THR A 184 32.53 -9.02 8.25
C THR A 184 32.19 -10.50 8.38
N LYS A 185 33.19 -11.36 8.18
CA LYS A 185 33.09 -12.82 8.38
C LYS A 185 33.61 -13.16 9.78
N VAL A 186 32.79 -13.80 10.61
CA VAL A 186 33.19 -14.37 11.93
C VAL A 186 34.07 -15.61 11.66
N GLU A 187 35.31 -15.61 12.19
CA GLU A 187 36.32 -16.67 11.91
CA GLU A 187 36.33 -16.66 11.93
C GLU A 187 36.08 -17.87 12.84
N TYR A 188 35.45 -17.65 13.99
CA TYR A 188 35.00 -18.71 14.92
C TYR A 188 33.76 -18.22 15.67
N ASP A 189 32.88 -19.14 16.05
CA ASP A 189 31.64 -18.83 16.81
C ASP A 189 32.08 -18.37 18.21
N GLY A 190 31.70 -17.13 18.58
CA GLY A 190 32.15 -16.48 19.82
C GLY A 190 33.00 -15.23 19.54
N GLU A 191 33.47 -15.06 18.30
CA GLU A 191 34.43 -13.97 17.98
C GLU A 191 33.68 -12.63 18.04
N ARG A 192 34.24 -11.65 18.74
CA ARG A 192 33.73 -10.26 18.77
C ARG A 192 34.67 -9.36 17.96
N LYS A 193 34.10 -8.48 17.15
CA LYS A 193 34.81 -7.53 16.25
C LYS A 193 34.73 -6.13 16.86
N LYS A 194 35.68 -5.25 16.52
CA LYS A 194 35.71 -3.82 16.92
C LYS A 194 35.81 -2.90 15.71
N THR A 195 36.64 -3.25 14.74
CA THR A 195 36.98 -2.37 13.60
CA THR A 195 36.99 -2.38 13.59
C THR A 195 35.80 -2.34 12.62
N LEU A 196 35.35 -1.13 12.28
CA LEU A 196 34.44 -0.84 11.15
C LEU A 196 35.14 0.17 10.23
N CYS A 197 35.04 -0.02 8.93
CA CYS A 197 35.60 0.89 7.88
C CYS A 197 34.57 1.96 7.51
N GLY A 198 33.47 2.07 8.25
CA GLY A 198 32.46 3.14 8.08
C GLY A 198 31.45 3.15 9.23
N THR A 199 30.54 4.11 9.24
CA THR A 199 29.54 4.32 10.32
C THR A 199 28.22 3.69 9.89
N PRO A 200 27.76 2.60 10.54
CA PRO A 200 26.44 2.04 10.24
C PRO A 200 25.31 3.05 10.47
N ASN A 201 24.22 2.91 9.71
CA ASN A 201 23.02 3.78 9.79
C ASN A 201 22.43 3.64 11.20
N TYR A 202 22.19 2.41 11.64
CA TYR A 202 21.72 2.08 13.01
C TYR A 202 22.95 1.63 13.83
N ILE A 203 23.43 2.49 14.71
CA ILE A 203 24.55 2.21 15.64
C ILE A 203 23.96 1.48 16.85
N ALA A 204 24.21 0.18 16.96
CA ALA A 204 23.92 -0.62 18.16
C ALA A 204 24.71 -0.04 19.32
N PRO A 205 24.20 -0.11 20.58
CA PRO A 205 24.90 0.45 21.73
C PRO A 205 26.32 -0.11 21.94
N GLU A 206 26.56 -1.37 21.58
CA GLU A 206 27.88 -2.04 21.76
C GLU A 206 28.86 -1.53 20.69
N VAL A 207 28.37 -0.95 19.59
CA VAL A 207 29.22 -0.32 18.55
C VAL A 207 29.56 1.09 19.03
N LEU A 208 28.57 1.84 19.52
CA LEU A 208 28.78 3.20 20.08
C LEU A 208 29.83 3.15 21.19
N SER A 209 29.73 2.18 22.10
CA SER A 209 30.59 2.05 23.31
C SER A 209 31.93 1.39 22.96
N ASP A 210 32.08 0.83 21.76
CA ASP A 210 33.34 0.18 21.28
C ASP A 210 33.65 -1.03 22.18
N ALA A 211 32.63 -1.78 22.60
CA ALA A 211 32.75 -2.88 23.59
C ALA A 211 33.07 -4.20 22.88
N GLY A 212 33.09 -4.20 21.55
CA GLY A 212 33.08 -5.43 20.75
C GLY A 212 31.66 -5.81 20.39
N HIS A 213 31.46 -6.33 19.19
CA HIS A 213 30.13 -6.75 18.69
C HIS A 213 30.22 -8.05 17.92
N SER A 214 29.08 -8.70 17.74
CA SER A 214 28.92 -9.92 16.91
C SER A 214 27.55 -9.86 16.22
N PHE A 215 26.95 -11.02 15.95
CA PHE A 215 25.68 -11.19 15.20
C PHE A 215 24.55 -10.31 15.77
N GLU A 216 24.58 -9.98 17.06
CA GLU A 216 23.44 -9.28 17.72
C GLU A 216 23.26 -7.86 17.16
N VAL A 217 24.28 -7.25 16.53
CA VAL A 217 24.12 -5.88 15.96
C VAL A 217 23.07 -5.94 14.85
N ASP A 218 23.01 -7.04 14.11
CA ASP A 218 22.03 -7.21 12.99
C ASP A 218 20.62 -7.29 13.58
N VAL A 219 20.43 -7.94 14.73
CA VAL A 219 19.09 -8.03 15.40
C VAL A 219 18.68 -6.64 15.87
N TRP A 220 19.62 -5.83 16.36
CA TRP A 220 19.37 -4.44 16.81
C TRP A 220 18.82 -3.63 15.63
N SER A 221 19.47 -3.72 14.47
CA SER A 221 19.09 -2.92 13.28
CA SER A 221 19.10 -2.93 13.27
C SER A 221 17.71 -3.36 12.79
N ILE A 222 17.42 -4.66 12.83
CA ILE A 222 16.08 -5.21 12.45
C ILE A 222 15.02 -4.69 13.43
N GLY A 223 15.36 -4.57 14.72
CA GLY A 223 14.49 -3.91 15.72
C GLY A 223 14.19 -2.47 15.34
N CYS A 224 15.21 -1.71 14.93
CA CYS A 224 15.07 -0.31 14.50
C CYS A 224 14.17 -0.26 13.26
N ILE A 225 14.40 -1.16 12.31
CA ILE A 225 13.63 -1.24 11.03
C ILE A 225 12.17 -1.57 11.33
N MET A 226 11.93 -2.57 12.18
CA MET A 226 10.55 -2.98 12.55
C MET A 226 9.83 -1.76 13.14
N TYR A 227 10.47 -1.06 14.06
CA TYR A 227 9.91 0.16 14.70
C TYR A 227 9.54 1.16 13.61
N THR A 228 10.47 1.46 12.69
CA THR A 228 10.29 2.48 11.64
C THR A 228 9.10 2.11 10.75
N LEU A 229 8.99 0.84 10.34
CA LEU A 229 7.94 0.37 9.41
C LEU A 229 6.56 0.49 10.08
N LEU A 230 6.46 0.17 11.36
CA LEU A 230 5.17 0.14 12.10
C LEU A 230 4.81 1.55 12.59
N VAL A 231 5.79 2.35 13.00
CA VAL A 231 5.54 3.65 13.70
C VAL A 231 5.56 4.78 12.66
N GLY A 232 6.41 4.66 11.63
CA GLY A 232 6.53 5.66 10.55
C GLY A 232 7.62 6.67 10.81
N LYS A 233 8.30 6.61 11.97
CA LYS A 233 9.53 7.39 12.29
C LYS A 233 10.53 6.46 12.98
N PRO A 234 11.84 6.79 12.98
CA PRO A 234 12.85 5.95 13.60
C PRO A 234 12.74 6.00 15.12
N PRO A 235 13.18 4.95 15.83
CA PRO A 235 13.08 4.92 17.30
C PRO A 235 13.95 5.97 18.03
N PHE A 236 15.20 6.18 17.59
CA PHE A 236 16.22 6.96 18.33
C PHE A 236 16.55 8.29 17.64
N GLU A 237 16.38 8.37 16.32
CA GLU A 237 16.91 9.48 15.50
C GLU A 237 16.18 10.77 15.89
N THR A 238 16.95 11.81 16.23
CA THR A 238 16.46 13.18 16.52
C THR A 238 17.06 14.11 15.46
N SER A 239 16.92 15.42 15.65
CA SER A 239 17.48 16.46 14.76
C SER A 239 19.00 16.59 14.89
N CYS A 240 19.60 16.09 15.98
N CYS A 240 19.59 16.08 15.98
CA CYS A 240 21.06 16.19 16.25
CA CYS A 240 21.03 16.20 16.33
C CYS A 240 21.63 14.84 16.68
C CYS A 240 21.62 14.83 16.68
N LEU A 241 22.80 14.49 16.15
CA LEU A 241 23.47 13.19 16.37
C LEU A 241 23.85 13.04 17.85
N LYS A 242 24.19 14.12 18.54
CA LYS A 242 24.60 14.05 19.97
C LYS A 242 23.46 13.43 20.78
N GLU A 243 22.23 13.92 20.58
CA GLU A 243 21.03 13.46 21.33
C GLU A 243 20.65 12.04 20.89
N THR A 244 20.73 11.76 19.59
CA THR A 244 20.47 10.42 19.02
C THR A 244 21.35 9.39 19.75
N TYR A 245 22.65 9.68 19.88
CA TYR A 245 23.64 8.73 20.44
C TYR A 245 23.47 8.63 21.96
N LEU A 246 23.07 9.71 22.64
CA LEU A 246 22.75 9.65 24.09
CA LEU A 246 22.76 9.64 24.09
C LEU A 246 21.54 8.73 24.32
N ARG A 247 20.54 8.80 23.42
N ARG A 247 20.54 8.80 23.43
CA ARG A 247 19.30 7.99 23.53
CA ARG A 247 19.28 8.01 23.51
C ARG A 247 19.61 6.50 23.30
C ARG A 247 19.61 6.52 23.30
N ILE A 248 20.48 6.19 22.33
CA ILE A 248 20.92 4.79 22.05
C ILE A 248 21.67 4.27 23.28
N LYS A 249 22.58 5.08 23.82
CA LYS A 249 23.41 4.72 25.01
C LYS A 249 22.48 4.33 26.18
N LYS A 250 21.43 5.12 26.42
CA LYS A 250 20.55 5.00 27.62
C LYS A 250 19.30 4.17 27.28
N ASN A 251 19.20 3.63 26.07
CA ASN A 251 18.04 2.84 25.57
C ASN A 251 16.74 3.66 25.72
N GLU A 252 16.80 4.96 25.41
CA GLU A 252 15.65 5.90 25.55
CA GLU A 252 15.65 5.89 25.55
C GLU A 252 14.88 5.95 24.22
N TYR A 253 13.73 5.30 24.18
CA TYR A 253 12.79 5.29 23.03
C TYR A 253 11.41 4.97 23.60
N SER A 254 10.37 5.28 22.84
CA SER A 254 8.95 5.12 23.27
C SER A 254 8.18 4.49 22.11
N ILE A 255 7.43 3.43 22.39
CA ILE A 255 6.52 2.77 21.41
C ILE A 255 5.13 3.34 21.62
N PRO A 256 4.52 3.98 20.58
CA PRO A 256 3.17 4.54 20.69
C PRO A 256 2.13 3.48 21.08
N LYS A 257 1.09 3.91 21.79
CA LYS A 257 0.01 3.06 22.36
C LYS A 257 -0.68 2.25 21.27
N HIS A 258 -0.73 2.78 20.04
CA HIS A 258 -1.52 2.21 18.92
C HIS A 258 -0.83 0.96 18.35
N ILE A 259 0.45 0.72 18.66
CA ILE A 259 1.17 -0.51 18.22
C ILE A 259 0.59 -1.70 19.01
N ASN A 260 0.28 -2.79 18.30
CA ASN A 260 -0.32 -4.01 18.88
CA ASN A 260 -0.32 -4.01 18.88
C ASN A 260 0.67 -4.60 19.89
N PRO A 261 0.19 -5.13 21.04
CA PRO A 261 1.07 -5.61 22.11
C PRO A 261 2.18 -6.58 21.68
N VAL A 262 1.89 -7.51 20.76
CA VAL A 262 2.83 -8.59 20.34
C VAL A 262 4.00 -7.95 19.56
N ALA A 263 3.71 -6.96 18.72
CA ALA A 263 4.70 -6.20 17.94
C ALA A 263 5.56 -5.38 18.91
N ALA A 264 4.91 -4.64 19.81
CA ALA A 264 5.56 -3.80 20.83
C ALA A 264 6.53 -4.66 21.65
N SER A 265 6.08 -5.85 22.04
CA SER A 265 6.87 -6.82 22.83
C SER A 265 8.12 -7.23 22.05
N LEU A 266 7.98 -7.57 20.77
CA LEU A 266 9.13 -8.05 19.94
C LEU A 266 10.14 -6.91 19.76
N ILE A 267 9.67 -5.68 19.59
CA ILE A 267 10.56 -4.48 19.44
C ILE A 267 11.41 -4.33 20.71
N GLN A 268 10.79 -4.46 21.88
CA GLN A 268 11.45 -4.31 23.21
C GLN A 268 12.52 -5.39 23.39
N LYS A 269 12.27 -6.62 22.89
CA LYS A 269 13.23 -7.75 22.96
C LYS A 269 14.47 -7.41 22.14
N MET A 270 14.28 -6.84 20.94
CA MET A 270 15.39 -6.55 20.00
C MET A 270 16.16 -5.31 20.46
N LEU A 271 15.46 -4.26 20.91
CA LEU A 271 16.08 -2.97 21.30
C LEU A 271 16.41 -2.99 22.79
N GLN A 272 17.36 -3.84 23.17
CA GLN A 272 17.93 -3.93 24.54
C GLN A 272 19.42 -3.64 24.45
N THR A 273 19.94 -2.91 25.43
CA THR A 273 21.36 -2.51 25.54
C THR A 273 22.24 -3.77 25.54
N ASP A 274 21.90 -4.73 26.38
CA ASP A 274 22.65 -6.00 26.54
C ASP A 274 22.45 -6.84 25.27
N PRO A 275 23.49 -7.04 24.44
CA PRO A 275 23.34 -7.86 23.23
C PRO A 275 22.89 -9.30 23.54
N THR A 276 23.26 -9.86 24.70
CA THR A 276 22.96 -11.26 25.09
C THR A 276 21.47 -11.42 25.41
N ALA A 277 20.77 -10.33 25.72
CA ALA A 277 19.33 -10.35 26.10
C ALA A 277 18.46 -10.36 24.84
N ARG A 278 19.03 -10.01 23.69
CA ARG A 278 18.30 -9.93 22.40
C ARG A 278 18.03 -11.34 21.90
N PRO A 279 16.94 -11.54 21.13
CA PRO A 279 16.70 -12.80 20.47
C PRO A 279 17.84 -13.07 19.47
N THR A 280 18.25 -14.33 19.31
CA THR A 280 19.08 -14.75 18.15
C THR A 280 18.21 -14.61 16.90
N ILE A 281 18.80 -14.67 15.71
CA ILE A 281 18.05 -14.50 14.44
C ILE A 281 17.08 -15.68 14.31
N ASN A 282 17.41 -16.85 14.86
CA ASN A 282 16.55 -18.07 14.81
C ASN A 282 15.33 -17.88 15.74
N GLU A 283 15.51 -17.25 16.91
CA GLU A 283 14.43 -17.01 17.90
C GLU A 283 13.52 -15.89 17.38
N LEU A 284 14.11 -14.90 16.71
CA LEU A 284 13.39 -13.76 16.09
C LEU A 284 12.33 -14.33 15.14
N LEU A 285 12.75 -15.20 14.22
CA LEU A 285 11.88 -15.81 13.19
C LEU A 285 10.73 -16.57 13.88
N ASN A 286 10.96 -17.16 15.06
CA ASN A 286 9.97 -18.01 15.78
C ASN A 286 9.10 -17.19 16.73
N ASP A 287 9.21 -15.85 16.74
CA ASP A 287 8.43 -15.00 17.69
C ASP A 287 6.93 -15.11 17.35
N GLU A 288 6.08 -14.96 18.36
CA GLU A 288 4.59 -14.91 18.22
C GLU A 288 4.19 -13.91 17.14
N PHE A 289 4.95 -12.82 16.96
CA PHE A 289 4.71 -11.81 15.91
C PHE A 289 4.57 -12.50 14.55
N PHE A 290 5.46 -13.46 14.26
CA PHE A 290 5.54 -14.17 12.95
C PHE A 290 4.64 -15.42 12.95
N THR A 291 4.66 -16.22 14.01
CA THR A 291 3.97 -17.54 14.05
C THR A 291 2.45 -17.38 14.13
N SER A 292 1.96 -16.34 14.80
CA SER A 292 0.52 -16.14 15.14
C SER A 292 -0.05 -14.86 14.50
N GLY A 293 0.76 -14.09 13.76
CA GLY A 293 0.30 -12.89 13.02
C GLY A 293 0.02 -13.24 11.56
N TYR A 294 -0.97 -12.58 10.95
CA TYR A 294 -1.29 -12.77 9.51
C TYR A 294 -0.11 -12.28 8.64
N ILE A 295 0.46 -13.19 7.85
CA ILE A 295 1.51 -12.89 6.83
C ILE A 295 0.89 -13.11 5.45
N PRO A 296 0.64 -12.04 4.67
CA PRO A 296 0.18 -12.21 3.30
C PRO A 296 1.20 -13.02 2.49
N ALA A 297 0.71 -13.90 1.61
CA ALA A 297 1.53 -14.71 0.69
C ALA A 297 2.18 -13.78 -0.34
N ARG A 298 1.47 -12.72 -0.76
CA ARG A 298 1.99 -11.68 -1.69
C ARG A 298 1.37 -10.33 -1.33
N LEU A 299 2.04 -9.25 -1.74
CA LEU A 299 1.48 -7.88 -1.67
C LEU A 299 1.23 -7.40 -3.10
N PRO A 300 0.06 -6.76 -3.36
CA PRO A 300 -0.21 -6.16 -4.66
C PRO A 300 0.71 -4.94 -4.86
N ILE A 301 0.97 -4.59 -6.12
CA ILE A 301 1.99 -3.56 -6.48
C ILE A 301 1.54 -2.18 -5.96
N THR A 302 0.24 -1.97 -5.75
CA THR A 302 -0.35 -0.71 -5.24
C THR A 302 0.21 -0.39 -3.85
N CYS A 303 0.73 -1.38 -3.13
CA CYS A 303 1.21 -1.21 -1.73
CA CYS A 303 1.21 -1.22 -1.74
C CYS A 303 2.45 -0.32 -1.69
N LEU A 304 3.08 -0.04 -2.84
CA LEU A 304 4.22 0.92 -2.88
C LEU A 304 3.71 2.34 -2.61
N THR A 305 2.43 2.63 -2.87
CA THR A 305 1.88 4.01 -2.87
C THR A 305 0.60 4.16 -2.03
N ILE A 306 -0.17 3.09 -1.83
CA ILE A 306 -1.48 3.19 -1.10
C ILE A 306 -1.65 1.99 -0.18
N PRO A 307 -2.25 2.17 1.01
CA PRO A 307 -2.39 1.08 1.98
C PRO A 307 -3.36 0.02 1.47
N PRO A 308 -2.99 -1.28 1.51
CA PRO A 308 -3.94 -2.34 1.20
C PRO A 308 -4.96 -2.50 2.34
N ARG A 309 -6.05 -3.20 2.05
CA ARG A 309 -7.16 -3.50 3.00
CA ARG A 309 -7.16 -3.50 3.00
C ARG A 309 -7.05 -4.97 3.39
N PHE A 310 -7.12 -5.25 4.70
CA PHE A 310 -7.09 -6.62 5.29
C PHE A 310 -8.26 -6.79 6.26
N SER A 311 -8.85 -8.00 6.31
CA SER A 311 -9.90 -8.40 7.29
C SER A 311 -9.35 -8.27 8.70
N ILE A 312 -10.22 -8.19 9.72
CA ILE A 312 -9.83 -8.08 11.16
C ILE A 312 -8.93 -9.28 11.50
N ALA A 313 -9.32 -10.47 11.03
CA ALA A 313 -8.55 -11.74 11.15
C ALA A 313 -8.75 -12.54 9.87
N PRO A 314 -7.83 -12.42 8.87
CA PRO A 314 -7.97 -13.15 7.60
C PRO A 314 -7.90 -14.67 7.75
N SER A 315 -8.59 -15.39 6.85
CA SER A 315 -8.71 -16.87 6.83
C SER A 315 -8.32 -17.41 5.45
N SER A 316 -7.55 -18.49 5.42
CA SER A 316 -7.16 -19.21 4.17
C SER A 316 -8.37 -19.97 3.61
N LEU A 317 -9.50 -19.97 4.35
CA LEU A 317 -10.80 -20.58 3.96
C LEU A 317 -11.68 -19.52 3.27
N ASP A 318 -11.13 -18.79 2.29
CA ASP A 318 -11.82 -17.67 1.59
C ASP A 318 -11.01 -17.28 0.33
N PRO A 319 -11.64 -17.22 -0.86
CA PRO A 319 -10.96 -16.75 -2.07
C PRO A 319 -10.31 -15.36 -1.90
N LYS B 23 -15.62 -3.97 23.26
CA LYS B 23 -16.76 -4.48 24.06
C LYS B 23 -17.93 -4.84 23.12
N GLU B 24 -19.04 -5.30 23.69
CA GLU B 24 -20.32 -5.55 22.98
C GLU B 24 -20.91 -4.21 22.55
N ILE B 25 -21.71 -4.21 21.48
CA ILE B 25 -22.39 -3.00 20.91
C ILE B 25 -23.71 -2.78 21.66
N PRO B 26 -24.00 -1.56 22.14
CA PRO B 26 -25.24 -1.29 22.89
C PRO B 26 -26.52 -1.65 22.14
N GLU B 27 -27.51 -2.20 22.85
CA GLU B 27 -28.84 -2.61 22.33
C GLU B 27 -29.62 -1.36 21.92
N VAL B 28 -29.46 -0.27 22.68
CA VAL B 28 -30.04 1.08 22.40
C VAL B 28 -28.88 2.07 22.28
N LEU B 29 -28.89 2.87 21.21
CA LEU B 29 -27.91 3.96 20.96
C LEU B 29 -28.54 5.28 21.42
N VAL B 30 -27.92 5.97 22.39
CA VAL B 30 -28.38 7.27 22.94
C VAL B 30 -27.43 8.38 22.48
N ASP B 31 -27.97 9.43 21.85
CA ASP B 31 -27.24 10.68 21.52
C ASP B 31 -27.13 11.52 22.78
N PRO B 32 -25.91 11.77 23.33
CA PRO B 32 -25.76 12.56 24.55
C PRO B 32 -26.22 14.02 24.40
N ARG B 33 -26.16 14.58 23.19
CA ARG B 33 -26.44 16.02 22.90
C ARG B 33 -27.93 16.23 22.61
N SER B 34 -28.43 15.69 21.49
CA SER B 34 -29.80 15.92 20.97
C SER B 34 -30.83 15.08 21.75
N ARG B 35 -30.38 14.16 22.61
CA ARG B 35 -31.22 13.32 23.51
C ARG B 35 -32.01 12.26 22.72
N ARG B 36 -31.80 12.17 21.40
CA ARG B 36 -32.44 11.15 20.52
C ARG B 36 -31.87 9.77 20.86
N ARG B 37 -32.69 8.72 20.76
CA ARG B 37 -32.29 7.32 21.11
C ARG B 37 -32.84 6.35 20.05
N TYR B 38 -32.02 5.36 19.68
CA TYR B 38 -32.26 4.40 18.57
C TYR B 38 -32.10 2.96 19.07
N VAL B 39 -33.02 2.07 18.69
CA VAL B 39 -32.98 0.62 19.05
C VAL B 39 -32.31 -0.14 17.90
N ARG B 40 -31.16 -0.79 18.17
CA ARG B 40 -30.37 -1.56 17.18
C ARG B 40 -31.21 -2.76 16.70
N GLY B 41 -31.57 -2.76 15.40
CA GLY B 41 -32.33 -3.83 14.73
C GLY B 41 -31.43 -4.76 13.94
N ARG B 42 -31.90 -5.25 12.79
CA ARG B 42 -31.23 -6.33 12.01
C ARG B 42 -29.84 -5.85 11.57
N PHE B 43 -28.88 -6.78 11.57
CA PHE B 43 -27.51 -6.61 11.00
C PHE B 43 -27.61 -6.54 9.48
N LEU B 44 -27.06 -5.50 8.85
CA LEU B 44 -27.17 -5.22 7.39
C LEU B 44 -25.89 -5.63 6.65
N GLY B 45 -24.72 -5.49 7.27
CA GLY B 45 -23.42 -5.83 6.65
C GLY B 45 -22.26 -5.13 7.31
N LYS B 46 -21.03 -5.50 6.94
CA LYS B 46 -19.78 -4.93 7.50
C LYS B 46 -18.77 -4.70 6.37
N GLY B 47 -17.79 -3.81 6.61
CA GLY B 47 -16.64 -3.55 5.72
C GLY B 47 -15.53 -2.82 6.45
N GLY B 48 -14.29 -3.29 6.33
CA GLY B 48 -13.14 -2.74 7.06
C GLY B 48 -13.41 -2.73 8.56
N PHE B 49 -13.30 -1.55 9.19
CA PHE B 49 -13.43 -1.38 10.66
C PHE B 49 -14.91 -1.35 11.08
N ALA B 50 -15.83 -1.16 10.12
CA ALA B 50 -17.23 -0.74 10.36
C ALA B 50 -18.19 -1.93 10.27
N LYS B 51 -19.28 -1.88 11.07
CA LYS B 51 -20.47 -2.76 10.96
C LYS B 51 -21.70 -1.85 10.79
N CYS B 52 -22.73 -2.33 10.08
CA CYS B 52 -23.95 -1.56 9.78
CA CYS B 52 -23.96 -1.57 9.77
C CYS B 52 -25.19 -2.35 10.25
N PHE B 53 -26.14 -1.66 10.91
CA PHE B 53 -27.39 -2.23 11.43
C PHE B 53 -28.59 -1.34 11.05
N GLU B 54 -29.77 -1.94 10.89
CA GLU B 54 -31.06 -1.23 10.85
C GLU B 54 -31.35 -0.70 12.26
N ILE B 55 -31.67 0.60 12.40
CA ILE B 55 -31.97 1.26 13.69
C ILE B 55 -33.25 2.09 13.53
N SER B 56 -33.98 2.32 14.62
CA SER B 56 -35.30 3.01 14.65
C SER B 56 -35.35 4.02 15.81
N ASP B 57 -35.78 5.25 15.51
CA ASP B 57 -36.05 6.35 16.47
C ASP B 57 -37.10 5.88 17.50
N ALA B 58 -37.05 6.43 18.72
CA ALA B 58 -37.97 6.07 19.82
C ALA B 58 -39.31 6.79 19.64
N ASP B 59 -39.29 8.07 19.30
CA ASP B 59 -40.49 8.97 19.24
C ASP B 59 -41.16 8.86 17.87
N THR B 60 -40.43 9.09 16.78
CA THR B 60 -40.96 9.10 15.39
C THR B 60 -41.14 7.65 14.91
N LYS B 61 -40.31 6.72 15.38
CA LYS B 61 -40.24 5.30 14.92
C LYS B 61 -39.72 5.24 13.47
N GLU B 62 -39.14 6.33 12.97
CA GLU B 62 -38.47 6.42 11.64
C GLU B 62 -37.27 5.49 11.65
N VAL B 63 -37.08 4.71 10.59
CA VAL B 63 -36.01 3.67 10.47
C VAL B 63 -34.85 4.25 9.64
N PHE B 64 -33.61 3.96 10.06
CA PHE B 64 -32.36 4.43 9.42
C PHE B 64 -31.36 3.28 9.35
N ALA B 65 -30.22 3.51 8.68
CA ALA B 65 -29.03 2.65 8.72
C ALA B 65 -28.04 3.22 9.75
N GLY B 66 -27.61 2.41 10.71
CA GLY B 66 -26.62 2.77 11.74
C GLY B 66 -25.26 2.17 11.45
N LYS B 67 -24.32 2.99 11.00
CA LYS B 67 -22.88 2.63 10.83
C LYS B 67 -22.20 2.77 12.18
N ILE B 68 -21.55 1.72 12.67
CA ILE B 68 -21.01 1.61 14.06
C ILE B 68 -19.56 1.12 14.01
N VAL B 69 -18.62 1.98 14.43
CA VAL B 69 -17.15 1.74 14.36
C VAL B 69 -16.59 1.73 15.77
N PRO B 70 -15.89 0.65 16.22
CA PRO B 70 -15.19 0.65 17.50
C PRO B 70 -14.01 1.63 17.51
N LYS B 71 -13.90 2.45 18.56
CA LYS B 71 -12.79 3.41 18.76
C LYS B 71 -11.47 2.65 18.97
N SER B 72 -11.56 1.39 19.43
CA SER B 72 -10.43 0.44 19.54
C SER B 72 -9.70 0.29 18.19
N LEU B 73 -10.42 0.43 17.08
CA LEU B 73 -9.86 0.33 15.70
C LEU B 73 -9.48 1.72 15.16
N LEU B 74 -9.81 2.79 15.88
CA LEU B 74 -9.56 4.20 15.46
C LEU B 74 -8.31 4.77 16.17
N LEU B 75 -7.55 3.95 16.90
CA LEU B 75 -6.37 4.41 17.67
C LEU B 75 -5.25 4.84 16.71
N LYS B 76 -4.92 3.99 15.72
CA LYS B 76 -3.94 4.36 14.66
C LYS B 76 -4.40 5.69 14.04
N PRO B 77 -3.60 6.78 14.15
CA PRO B 77 -4.07 8.12 13.82
C PRO B 77 -4.53 8.31 12.37
N HIS B 78 -4.10 7.42 11.45
CA HIS B 78 -4.50 7.40 10.02
C HIS B 78 -5.95 6.92 9.89
N GLN B 79 -6.42 6.11 10.84
CA GLN B 79 -7.79 5.53 10.88
C GLN B 79 -8.75 6.57 11.49
N ARG B 80 -8.31 7.29 12.52
CA ARG B 80 -9.07 8.39 13.17
C ARG B 80 -9.39 9.46 12.12
N GLU B 81 -8.38 9.88 11.36
CA GLU B 81 -8.51 10.96 10.33
C GLU B 81 -9.33 10.45 9.16
N LYS B 82 -9.27 9.15 8.86
CA LYS B 82 -10.10 8.52 7.79
C LYS B 82 -11.57 8.67 8.17
N MET B 83 -11.96 8.17 9.36
CA MET B 83 -13.32 8.24 9.92
C MET B 83 -13.78 9.70 9.99
N SER B 84 -12.91 10.58 10.47
CA SER B 84 -13.15 12.03 10.63
C SER B 84 -13.48 12.64 9.26
N MET B 85 -12.68 12.33 8.24
CA MET B 85 -12.79 12.92 6.88
C MET B 85 -14.08 12.42 6.21
N GLU B 86 -14.39 11.13 6.35
CA GLU B 86 -15.64 10.52 5.80
C GLU B 86 -16.84 11.33 6.30
N ILE B 87 -16.91 11.56 7.62
CA ILE B 87 -18.02 12.27 8.31
C ILE B 87 -18.05 13.74 7.85
N SER B 88 -16.89 14.42 7.83
CA SER B 88 -16.77 15.84 7.41
CA SER B 88 -16.77 15.84 7.41
C SER B 88 -17.34 16.01 6.00
N ILE B 89 -16.97 15.13 5.06
CA ILE B 89 -17.41 15.21 3.65
C ILE B 89 -18.90 14.84 3.56
N HIS B 90 -19.29 13.70 4.14
CA HIS B 90 -20.65 13.13 3.98
C HIS B 90 -21.70 14.09 4.56
N ARG B 91 -21.43 14.68 5.74
CA ARG B 91 -22.42 15.52 6.48
C ARG B 91 -22.68 16.81 5.70
N SER B 92 -21.78 17.21 4.79
CA SER B 92 -21.91 18.44 3.96
C SER B 92 -22.73 18.17 2.69
N LEU B 93 -23.13 16.92 2.44
CA LEU B 93 -23.80 16.47 1.18
C LEU B 93 -25.29 16.19 1.45
N ALA B 94 -26.13 16.59 0.49
CA ALA B 94 -27.59 16.33 0.44
C ALA B 94 -28.00 16.31 -1.03
N HIS B 95 -28.24 15.12 -1.57
CA HIS B 95 -28.68 14.89 -2.97
C HIS B 95 -29.48 13.59 -3.03
N GLN B 96 -30.45 13.50 -3.93
CA GLN B 96 -31.38 12.34 -3.99
C GLN B 96 -30.62 11.09 -4.47
N HIS B 97 -29.40 11.22 -5.00
CA HIS B 97 -28.58 10.06 -5.47
C HIS B 97 -27.31 9.93 -4.62
N VAL B 98 -27.33 10.52 -3.43
CA VAL B 98 -26.29 10.35 -2.38
C VAL B 98 -26.99 9.88 -1.10
N VAL B 99 -26.46 8.84 -0.46
CA VAL B 99 -26.97 8.34 0.85
C VAL B 99 -27.17 9.56 1.76
N GLY B 100 -28.40 9.74 2.27
CA GLY B 100 -28.74 10.79 3.23
C GLY B 100 -27.91 10.62 4.49
N PHE B 101 -27.35 11.72 5.00
CA PHE B 101 -26.59 11.79 6.26
C PHE B 101 -27.47 12.50 7.29
N HIS B 102 -27.90 11.81 8.36
CA HIS B 102 -28.90 12.31 9.32
C HIS B 102 -28.22 12.77 10.62
N GLY B 103 -26.96 12.37 10.85
CA GLY B 103 -26.14 12.88 11.97
C GLY B 103 -25.21 11.81 12.52
N PHE B 104 -24.33 12.19 13.44
CA PHE B 104 -23.38 11.27 14.12
C PHE B 104 -23.22 11.68 15.58
N PHE B 105 -22.80 10.72 16.41
CA PHE B 105 -22.47 10.89 17.84
C PHE B 105 -21.52 9.75 18.24
N GLU B 106 -21.11 9.69 19.51
CA GLU B 106 -20.09 8.71 19.96
C GLU B 106 -20.21 8.44 21.46
N ASP B 107 -20.11 7.15 21.82
CA ASP B 107 -19.85 6.71 23.22
CA ASP B 107 -19.85 6.63 23.18
C ASP B 107 -18.33 6.60 23.40
N ASN B 108 -17.87 6.09 24.55
CA ASN B 108 -16.42 5.97 24.87
C ASN B 108 -15.76 4.82 24.08
N ASP B 109 -16.55 3.94 23.46
CA ASP B 109 -16.04 2.72 22.76
C ASP B 109 -16.43 2.70 21.29
N PHE B 110 -17.32 3.60 20.83
CA PHE B 110 -17.96 3.52 19.49
C PHE B 110 -18.25 4.91 18.92
N VAL B 111 -18.14 5.04 17.59
CA VAL B 111 -18.67 6.16 16.77
C VAL B 111 -19.95 5.65 16.07
N PHE B 112 -21.03 6.40 16.14
CA PHE B 112 -22.36 6.05 15.57
C PHE B 112 -22.73 7.05 14.47
N VAL B 113 -22.98 6.57 13.25
CA VAL B 113 -23.40 7.39 12.09
C VAL B 113 -24.79 6.92 11.64
N VAL B 114 -25.75 7.84 11.64
CA VAL B 114 -27.18 7.60 11.24
C VAL B 114 -27.33 8.00 9.77
N LEU B 115 -27.64 7.03 8.91
CA LEU B 115 -27.70 7.21 7.44
C LEU B 115 -29.09 6.79 6.93
N GLU B 116 -29.44 7.25 5.73
CA GLU B 116 -30.62 6.80 4.95
C GLU B 116 -30.53 5.28 4.78
N LEU B 117 -31.60 4.56 5.14
CA LEU B 117 -31.69 3.09 4.92
C LEU B 117 -31.96 2.85 3.42
N CYS B 118 -31.27 1.87 2.86
CA CYS B 118 -31.42 1.38 1.47
C CYS B 118 -31.78 -0.11 1.53
N ARG B 119 -33.08 -0.43 1.49
CA ARG B 119 -33.65 -1.75 1.84
C ARG B 119 -33.36 -2.80 0.75
N ARG B 120 -32.84 -2.39 -0.40
CA ARG B 120 -32.61 -3.30 -1.56
C ARG B 120 -31.10 -3.43 -1.82
N ARG B 121 -30.27 -3.36 -0.78
CA ARG B 121 -28.83 -3.73 -0.84
C ARG B 121 -28.13 -2.84 -1.89
N SER B 122 -27.28 -3.42 -2.75
CA SER B 122 -26.41 -2.63 -3.67
C SER B 122 -26.38 -3.25 -5.06
N LEU B 123 -25.84 -2.49 -6.04
CA LEU B 123 -25.66 -2.95 -7.42
C LEU B 123 -24.77 -4.20 -7.45
N LEU B 124 -23.92 -4.42 -6.43
CA LEU B 124 -23.05 -5.63 -6.39
C LEU B 124 -23.93 -6.88 -6.32
N GLU B 125 -24.94 -6.90 -5.46
CA GLU B 125 -25.84 -8.07 -5.29
C GLU B 125 -26.67 -8.25 -6.56
N LEU B 126 -27.15 -7.14 -7.14
CA LEU B 126 -27.88 -7.17 -8.43
C LEU B 126 -27.00 -7.85 -9.48
N HIS B 127 -25.75 -7.40 -9.63
CA HIS B 127 -24.77 -7.91 -10.64
C HIS B 127 -24.50 -9.41 -10.42
N LYS B 128 -24.34 -9.84 -9.16
CA LYS B 128 -24.05 -11.26 -8.86
C LYS B 128 -25.25 -12.11 -9.28
N ARG B 129 -26.48 -11.62 -9.07
CA ARG B 129 -27.71 -12.40 -9.34
C ARG B 129 -28.02 -12.38 -10.85
N ARG B 130 -27.88 -11.22 -11.50
CA ARG B 130 -28.39 -10.98 -12.89
C ARG B 130 -27.27 -11.14 -13.93
N LYS B 131 -26.02 -10.87 -13.55
CA LYS B 131 -24.88 -10.76 -14.48
C LYS B 131 -25.16 -9.57 -15.42
N ALA B 132 -24.91 -9.70 -16.72
CA ALA B 132 -25.15 -8.62 -17.70
C ALA B 132 -26.61 -8.18 -17.62
N LEU B 133 -26.86 -6.89 -17.36
CA LEU B 133 -28.20 -6.26 -17.40
C LEU B 133 -28.56 -5.98 -18.87
N THR B 134 -29.84 -5.70 -19.13
CA THR B 134 -30.33 -5.13 -20.41
C THR B 134 -29.81 -3.70 -20.50
N GLU B 135 -29.70 -3.16 -21.72
CA GLU B 135 -29.16 -1.81 -21.96
C GLU B 135 -30.02 -0.75 -21.27
N PRO B 136 -31.37 -0.80 -21.35
CA PRO B 136 -32.20 0.19 -20.67
C PRO B 136 -32.03 0.20 -19.14
N GLU B 137 -31.81 -0.96 -18.52
CA GLU B 137 -31.51 -1.06 -17.06
C GLU B 137 -30.15 -0.40 -16.78
N ALA B 138 -29.14 -0.74 -17.58
CA ALA B 138 -27.77 -0.16 -17.43
C ALA B 138 -27.90 1.36 -17.49
N ARG B 139 -28.61 1.87 -18.49
CA ARG B 139 -28.84 3.31 -18.73
C ARG B 139 -29.56 3.93 -17.53
N TYR B 140 -30.61 3.28 -17.01
CA TYR B 140 -31.38 3.74 -15.83
C TYR B 140 -30.44 3.97 -14.63
N TYR B 141 -29.61 2.99 -14.28
CA TYR B 141 -28.69 3.06 -13.11
C TYR B 141 -27.58 4.08 -13.37
N LEU B 142 -26.97 4.05 -14.56
CA LEU B 142 -25.80 4.90 -14.90
C LEU B 142 -26.20 6.38 -14.87
N ARG B 143 -27.40 6.72 -15.36
CA ARG B 143 -27.89 8.12 -15.34
CA ARG B 143 -27.93 8.11 -15.33
C ARG B 143 -27.91 8.61 -13.89
N GLN B 144 -28.43 7.79 -12.96
CA GLN B 144 -28.55 8.15 -11.52
C GLN B 144 -27.14 8.29 -10.93
N ILE B 145 -26.26 7.33 -11.24
CA ILE B 145 -24.84 7.36 -10.75
C ILE B 145 -24.20 8.67 -11.22
N VAL B 146 -24.43 9.03 -12.48
CA VAL B 146 -23.81 10.23 -13.10
C VAL B 146 -24.38 11.49 -12.45
N LEU B 147 -25.68 11.57 -12.20
CA LEU B 147 -26.32 12.74 -11.53
C LEU B 147 -25.74 12.90 -10.12
N GLY B 148 -25.66 11.82 -9.35
CA GLY B 148 -25.04 11.83 -8.02
C GLY B 148 -23.62 12.38 -8.08
N CYS B 149 -22.80 11.87 -8.98
CA CYS B 149 -21.36 12.23 -9.10
C CYS B 149 -21.23 13.68 -9.61
N GLN B 150 -22.15 14.11 -10.47
CA GLN B 150 -22.21 15.50 -10.99
C GLN B 150 -22.39 16.44 -9.79
N TYR B 151 -23.30 16.10 -8.88
CA TYR B 151 -23.53 16.85 -7.62
C TYR B 151 -22.24 16.87 -6.80
N LEU B 152 -21.56 15.72 -6.64
CA LEU B 152 -20.29 15.63 -5.85
C LEU B 152 -19.24 16.57 -6.45
N HIS B 153 -18.96 16.45 -7.75
CA HIS B 153 -17.89 17.21 -8.45
C HIS B 153 -18.18 18.71 -8.38
N ARG B 154 -19.44 19.11 -8.52
CA ARG B 154 -19.88 20.53 -8.42
C ARG B 154 -19.57 21.04 -7.01
N ASN B 155 -19.62 20.18 -5.99
CA ASN B 155 -19.29 20.56 -4.59
C ASN B 155 -17.83 20.20 -4.28
N ARG B 156 -17.00 20.00 -5.30
CA ARG B 156 -15.53 19.80 -5.21
C ARG B 156 -15.21 18.53 -4.40
N VAL B 157 -16.07 17.50 -4.45
CA VAL B 157 -15.81 16.18 -3.82
C VAL B 157 -15.45 15.18 -4.93
N ILE B 158 -14.32 14.50 -4.80
CA ILE B 158 -13.97 13.27 -5.56
C ILE B 158 -14.24 12.09 -4.63
N HIS B 159 -15.06 11.13 -5.06
CA HIS B 159 -15.42 9.95 -4.25
C HIS B 159 -14.22 8.99 -4.21
N ARG B 160 -13.66 8.68 -5.38
CA ARG B 160 -12.40 7.89 -5.60
C ARG B 160 -12.58 6.39 -5.29
N ASP B 161 -13.78 5.93 -4.94
CA ASP B 161 -14.00 4.48 -4.73
C ASP B 161 -15.41 4.09 -5.16
N LEU B 162 -15.90 4.65 -6.26
CA LEU B 162 -17.21 4.22 -6.83
C LEU B 162 -17.05 2.76 -7.28
N LYS B 163 -17.93 1.89 -6.79
CA LYS B 163 -17.98 0.44 -7.11
C LYS B 163 -19.42 -0.06 -6.91
N LEU B 164 -19.73 -1.25 -7.37
CA LEU B 164 -21.11 -1.80 -7.30
C LEU B 164 -21.54 -1.85 -5.83
N GLY B 165 -20.60 -2.14 -4.93
CA GLY B 165 -20.85 -2.36 -3.49
C GLY B 165 -21.23 -1.10 -2.73
N ASN B 166 -20.92 0.11 -3.22
CA ASN B 166 -21.30 1.37 -2.50
C ASN B 166 -22.26 2.19 -3.36
N LEU B 167 -22.89 1.54 -4.34
CA LEU B 167 -24.04 2.08 -5.11
C LEU B 167 -25.30 1.36 -4.59
N PHE B 168 -25.89 1.93 -3.55
CA PHE B 168 -27.00 1.34 -2.77
C PHE B 168 -28.30 1.61 -3.52
N LEU B 169 -29.29 0.74 -3.28
CA LEU B 169 -30.64 0.78 -3.89
C LEU B 169 -31.67 0.90 -2.77
N ASN B 170 -32.59 1.87 -2.86
CA ASN B 170 -33.72 2.03 -1.91
C ASN B 170 -34.88 1.13 -2.37
N GLU B 171 -36.04 1.24 -1.70
CA GLU B 171 -37.25 0.40 -1.95
CA GLU B 171 -37.22 0.38 -1.96
C GLU B 171 -37.60 0.45 -3.44
N ASP B 172 -37.50 1.64 -4.06
CA ASP B 172 -37.88 1.87 -5.49
C ASP B 172 -36.72 1.65 -6.46
N LEU B 173 -35.60 1.08 -6.00
CA LEU B 173 -34.40 0.85 -6.85
C LEU B 173 -33.88 2.18 -7.41
N GLU B 174 -33.96 3.25 -6.61
CA GLU B 174 -33.21 4.50 -6.86
C GLU B 174 -31.79 4.30 -6.31
N VAL B 175 -30.77 4.74 -7.06
CA VAL B 175 -29.35 4.60 -6.68
C VAL B 175 -29.00 5.67 -5.64
N LYS B 176 -28.29 5.26 -4.59
CA LYS B 176 -27.71 6.17 -3.56
C LYS B 176 -26.21 5.86 -3.45
N ILE B 177 -25.35 6.84 -3.78
CA ILE B 177 -23.87 6.75 -3.61
C ILE B 177 -23.56 6.91 -2.12
N GLY B 178 -22.81 5.97 -1.54
CA GLY B 178 -22.35 6.02 -0.14
C GLY B 178 -20.88 5.66 -0.03
N ASP B 179 -20.43 5.41 1.21
CA ASP B 179 -19.03 5.04 1.56
CA ASP B 179 -19.04 5.04 1.57
C ASP B 179 -18.07 6.11 1.04
N PHE B 180 -17.97 7.24 1.75
CA PHE B 180 -17.07 8.37 1.43
C PHE B 180 -15.72 8.19 2.13
N GLY B 181 -15.38 6.94 2.47
CA GLY B 181 -14.16 6.56 3.22
C GLY B 181 -12.86 6.94 2.52
N LEU B 182 -12.85 7.03 1.18
CA LEU B 182 -11.66 7.40 0.38
C LEU B 182 -11.87 8.77 -0.26
N ALA B 183 -13.01 9.42 -0.02
CA ALA B 183 -13.38 10.70 -0.66
C ALA B 183 -12.44 11.81 -0.19
N THR B 184 -12.23 12.81 -1.03
CA THR B 184 -11.38 13.99 -0.75
C THR B 184 -12.08 15.25 -1.28
N LYS B 185 -11.87 16.38 -0.62
CA LYS B 185 -12.39 17.71 -1.03
C LYS B 185 -11.27 18.44 -1.77
N VAL B 186 -11.53 18.87 -3.01
CA VAL B 186 -10.57 19.71 -3.81
C VAL B 186 -10.59 21.13 -3.23
N GLU B 187 -9.44 21.63 -2.76
CA GLU B 187 -9.31 22.89 -2.00
C GLU B 187 -9.16 24.09 -2.94
N TYR B 188 -8.56 23.91 -4.12
CA TYR B 188 -8.27 25.01 -5.08
C TYR B 188 -8.25 24.46 -6.51
N ASP B 189 -8.56 25.32 -7.48
CA ASP B 189 -8.68 24.98 -8.92
CA ASP B 189 -8.68 24.99 -8.93
C ASP B 189 -7.36 24.41 -9.42
N GLY B 190 -7.38 23.15 -9.89
CA GLY B 190 -6.23 22.45 -10.48
C GLY B 190 -5.37 21.72 -9.45
N GLU B 191 -5.85 21.56 -8.21
CA GLU B 191 -5.18 20.72 -7.18
C GLU B 191 -5.16 19.28 -7.69
N ARG B 192 -3.99 18.63 -7.66
CA ARG B 192 -3.88 17.17 -7.93
C ARG B 192 -3.54 16.49 -6.61
N LYS B 193 -4.22 15.37 -6.33
CA LYS B 193 -4.14 14.60 -5.06
C LYS B 193 -3.24 13.39 -5.31
N LYS B 194 -2.56 12.93 -4.26
CA LYS B 194 -1.66 11.74 -4.30
C LYS B 194 -2.06 10.74 -3.21
N THR B 195 -2.33 11.24 -2.00
CA THR B 195 -2.53 10.40 -0.80
C THR B 195 -3.91 9.75 -0.88
N LEU B 196 -3.95 8.42 -0.75
CA LEU B 196 -5.17 7.62 -0.50
C LEU B 196 -4.93 6.83 0.79
N CYS B 197 -5.93 6.81 1.68
CA CYS B 197 -5.89 6.09 2.98
C CYS B 197 -6.42 4.66 2.80
N GLY B 198 -6.64 4.23 1.55
CA GLY B 198 -7.03 2.85 1.19
C GLY B 198 -6.92 2.61 -0.30
N THR B 199 -7.10 1.37 -0.74
CA THR B 199 -6.97 0.95 -2.15
C THR B 199 -8.34 0.91 -2.80
N PRO B 200 -8.64 1.81 -3.77
CA PRO B 200 -9.91 1.76 -4.49
C PRO B 200 -10.10 0.43 -5.22
N ASN B 201 -11.37 0.02 -5.39
CA ASN B 201 -11.75 -1.22 -6.10
C ASN B 201 -11.28 -1.12 -7.55
N TYR B 202 -11.62 -0.02 -8.22
CA TYR B 202 -11.18 0.29 -9.61
C TYR B 202 -9.99 1.26 -9.53
N ILE B 203 -8.78 0.78 -9.81
CA ILE B 203 -7.54 1.62 -9.80
C ILE B 203 -7.43 2.29 -11.17
N ALA B 204 -7.70 3.59 -11.23
CA ALA B 204 -7.44 4.43 -12.43
C ALA B 204 -5.95 4.39 -12.71
N PRO B 205 -5.50 4.45 -13.99
CA PRO B 205 -4.07 4.39 -14.32
C PRO B 205 -3.21 5.47 -13.64
N GLU B 206 -3.76 6.66 -13.40
CA GLU B 206 -3.03 7.79 -12.76
C GLU B 206 -2.89 7.55 -11.25
N VAL B 207 -3.71 6.67 -10.67
CA VAL B 207 -3.57 6.22 -9.25
C VAL B 207 -2.49 5.15 -9.20
N LEU B 208 -2.54 4.17 -10.11
CA LEU B 208 -1.53 3.08 -10.20
C LEU B 208 -0.13 3.70 -10.35
N SER B 209 0.02 4.69 -11.24
CA SER B 209 1.31 5.32 -11.60
C SER B 209 1.73 6.36 -10.55
N ASP B 210 0.84 6.75 -9.64
CA ASP B 210 1.13 7.74 -8.56
C ASP B 210 1.47 9.09 -9.19
N ALA B 211 0.79 9.45 -10.29
CA ALA B 211 1.09 10.65 -11.12
C ALA B 211 0.36 11.87 -10.58
N GLY B 212 -0.51 11.70 -9.59
CA GLY B 212 -1.48 12.73 -9.19
C GLY B 212 -2.79 12.52 -9.92
N HIS B 213 -3.91 12.74 -9.22
CA HIS B 213 -5.26 12.52 -9.76
C HIS B 213 -6.20 13.64 -9.29
N SER B 214 -7.33 13.77 -9.99
CA SER B 214 -8.43 14.71 -9.64
C SER B 214 -9.77 14.04 -10.02
N PHE B 215 -10.76 14.84 -10.40
CA PHE B 215 -12.16 14.41 -10.68
C PHE B 215 -12.22 13.25 -11.67
N GLU B 216 -11.24 13.12 -12.56
CA GLU B 216 -11.32 12.17 -13.70
C GLU B 216 -11.26 10.72 -13.19
N VAL B 217 -10.75 10.45 -11.98
CA VAL B 217 -10.72 9.04 -11.45
C VAL B 217 -12.16 8.55 -11.31
N ASP B 218 -13.10 9.43 -10.98
CA ASP B 218 -14.54 9.06 -10.80
C ASP B 218 -15.12 8.67 -12.16
N VAL B 219 -14.74 9.35 -13.23
CA VAL B 219 -15.24 9.01 -14.60
C VAL B 219 -14.68 7.64 -15.00
N TRP B 220 -13.43 7.35 -14.64
CA TRP B 220 -12.79 6.03 -14.91
C TRP B 220 -13.62 4.92 -14.26
N SER B 221 -13.97 5.09 -12.98
CA SER B 221 -14.67 4.05 -12.20
C SER B 221 -16.06 3.84 -12.79
N ILE B 222 -16.75 4.91 -13.22
CA ILE B 222 -18.08 4.86 -13.88
C ILE B 222 -17.95 4.11 -15.22
N GLY B 223 -16.86 4.32 -15.95
CA GLY B 223 -16.53 3.52 -17.14
C GLY B 223 -16.43 2.03 -16.82
N CYS B 224 -15.71 1.67 -15.75
CA CYS B 224 -15.55 0.26 -15.30
C CYS B 224 -16.93 -0.31 -14.91
N ILE B 225 -17.74 0.48 -14.19
CA ILE B 225 -19.10 0.09 -13.73
C ILE B 225 -19.99 -0.15 -14.95
N MET B 226 -20.01 0.77 -15.91
CA MET B 226 -20.83 0.64 -17.13
C MET B 226 -20.44 -0.66 -17.84
N TYR B 227 -19.15 -0.92 -17.99
CA TYR B 227 -18.60 -2.13 -18.64
C TYR B 227 -19.18 -3.35 -17.90
N THR B 228 -19.05 -3.39 -16.57
CA THR B 228 -19.44 -4.55 -15.73
C THR B 228 -20.95 -4.79 -15.90
N LEU B 229 -21.77 -3.75 -15.84
CA LEU B 229 -23.25 -3.86 -15.91
C LEU B 229 -23.66 -4.43 -17.27
N LEU B 230 -23.03 -3.98 -18.37
CA LEU B 230 -23.45 -4.36 -19.75
C LEU B 230 -22.80 -5.70 -20.14
N VAL B 231 -21.57 -5.97 -19.70
CA VAL B 231 -20.79 -7.14 -20.18
C VAL B 231 -21.02 -8.32 -19.23
N GLY B 232 -21.16 -8.05 -17.92
CA GLY B 232 -21.40 -9.08 -16.89
C GLY B 232 -20.11 -9.53 -16.23
N LYS B 233 -18.96 -9.00 -16.64
CA LYS B 233 -17.63 -9.21 -16.01
C LYS B 233 -16.89 -7.88 -15.97
N PRO B 234 -15.89 -7.68 -15.08
CA PRO B 234 -15.14 -6.43 -15.01
C PRO B 234 -14.21 -6.30 -16.22
N PRO B 235 -13.86 -5.07 -16.63
CA PRO B 235 -13.02 -4.88 -17.81
C PRO B 235 -11.59 -5.43 -17.72
N PHE B 236 -10.91 -5.23 -16.58
CA PHE B 236 -9.46 -5.49 -16.43
C PHE B 236 -9.17 -6.71 -15.54
N GLU B 237 -10.08 -7.05 -14.62
CA GLU B 237 -9.83 -8.02 -13.52
C GLU B 237 -9.57 -9.42 -14.12
N THR B 238 -8.45 -10.01 -13.75
CA THR B 238 -8.05 -11.40 -14.10
C THR B 238 -7.93 -12.20 -12.80
N SER B 239 -7.43 -13.43 -12.89
CA SER B 239 -7.23 -14.34 -11.72
C SER B 239 -6.02 -13.89 -10.88
N CYS B 240 -5.11 -13.06 -11.41
CA CYS B 240 -3.93 -12.54 -10.66
C CYS B 240 -3.84 -11.01 -10.78
N LEU B 241 -3.56 -10.36 -9.65
CA LEU B 241 -3.57 -8.88 -9.55
C LEU B 241 -2.40 -8.30 -10.38
N LYS B 242 -1.30 -9.02 -10.52
CA LYS B 242 -0.12 -8.52 -11.29
C LYS B 242 -0.56 -8.27 -12.74
N GLU B 243 -1.29 -9.21 -13.34
CA GLU B 243 -1.76 -9.13 -14.75
C GLU B 243 -2.84 -8.05 -14.87
N THR B 244 -3.76 -7.98 -13.90
CA THR B 244 -4.83 -6.95 -13.81
C THR B 244 -4.17 -5.56 -13.91
N TYR B 245 -3.13 -5.30 -13.12
CA TYR B 245 -2.50 -3.96 -12.98
C TYR B 245 -1.65 -3.66 -14.24
N LEU B 246 -1.07 -4.68 -14.88
CA LEU B 246 -0.35 -4.49 -16.17
C LEU B 246 -1.36 -4.08 -17.24
N ARG B 247 -2.54 -4.67 -17.24
CA ARG B 247 -3.63 -4.39 -18.23
C ARG B 247 -4.15 -2.96 -18.06
N ILE B 248 -4.33 -2.51 -16.82
CA ILE B 248 -4.78 -1.11 -16.52
C ILE B 248 -3.70 -0.14 -17.00
N LYS B 249 -2.44 -0.43 -16.71
CA LYS B 249 -1.27 0.40 -17.11
C LYS B 249 -1.29 0.60 -18.64
N LYS B 250 -1.52 -0.46 -19.40
CA LYS B 250 -1.38 -0.50 -20.89
C LYS B 250 -2.74 -0.29 -21.56
N ASN B 251 -3.80 -0.03 -20.79
CA ASN B 251 -5.20 0.16 -21.28
C ASN B 251 -5.63 -1.06 -22.11
N GLU B 252 -5.30 -2.27 -21.66
CA GLU B 252 -5.61 -3.54 -22.37
C GLU B 252 -6.94 -4.09 -21.84
N TYR B 253 -8.00 -3.93 -22.62
CA TYR B 253 -9.34 -4.49 -22.35
C TYR B 253 -10.03 -4.67 -23.70
N SER B 254 -11.09 -5.49 -23.71
CA SER B 254 -11.82 -5.90 -24.94
C SER B 254 -13.33 -5.78 -24.66
N ILE B 255 -14.05 -5.08 -25.53
CA ILE B 255 -15.54 -4.97 -25.45
C ILE B 255 -16.11 -5.99 -26.41
N PRO B 256 -16.91 -6.97 -25.93
CA PRO B 256 -17.52 -7.98 -26.80
C PRO B 256 -18.40 -7.35 -27.88
N LYS B 257 -18.51 -8.04 -29.02
CA LYS B 257 -19.15 -7.54 -30.26
C LYS B 257 -20.64 -7.27 -30.02
N HIS B 258 -21.24 -7.98 -29.06
CA HIS B 258 -22.71 -7.94 -28.79
C HIS B 258 -23.10 -6.61 -28.12
N ILE B 259 -22.15 -5.85 -27.58
CA ILE B 259 -22.42 -4.52 -26.97
C ILE B 259 -22.80 -3.56 -28.10
N ASN B 260 -23.88 -2.78 -27.91
CA ASN B 260 -24.37 -1.82 -28.93
CA ASN B 260 -24.38 -1.79 -28.90
C ASN B 260 -23.28 -0.77 -29.16
N PRO B 261 -23.03 -0.35 -30.42
CA PRO B 261 -21.93 0.58 -30.72
C PRO B 261 -21.86 1.86 -29.89
N VAL B 262 -23.00 2.46 -29.54
CA VAL B 262 -23.07 3.77 -28.83
C VAL B 262 -22.57 3.57 -27.39
N ALA B 263 -22.95 2.45 -26.77
CA ALA B 263 -22.51 2.05 -25.41
C ALA B 263 -21.00 1.76 -25.44
N ALA B 264 -20.56 0.95 -26.40
CA ALA B 264 -19.14 0.57 -26.61
C ALA B 264 -18.31 1.84 -26.74
N SER B 265 -18.80 2.79 -27.53
CA SER B 265 -18.13 4.09 -27.80
C SER B 265 -17.98 4.86 -26.48
N LEU B 266 -19.03 4.93 -25.66
CA LEU B 266 -19.00 5.72 -24.40
C LEU B 266 -18.02 5.08 -23.41
N ILE B 267 -17.95 3.74 -23.37
CA ILE B 267 -17.00 2.99 -22.50
C ILE B 267 -15.56 3.39 -22.88
N GLN B 268 -15.27 3.41 -24.18
CA GLN B 268 -13.93 3.72 -24.75
C GLN B 268 -13.52 5.15 -24.36
N LYS B 269 -14.48 6.09 -24.35
CA LYS B 269 -14.23 7.51 -23.98
C LYS B 269 -13.81 7.58 -22.51
N MET B 270 -14.49 6.84 -21.64
CA MET B 270 -14.23 6.87 -20.18
C MET B 270 -12.96 6.08 -19.83
N LEU B 271 -12.73 4.92 -20.44
CA LEU B 271 -11.56 4.06 -20.16
C LEU B 271 -10.38 4.43 -21.06
N GLN B 272 -9.85 5.63 -20.88
CA GLN B 272 -8.62 6.13 -21.56
C GLN B 272 -7.57 6.44 -20.48
N THR B 273 -6.31 6.12 -20.77
CA THR B 273 -5.16 6.30 -19.85
C THR B 273 -5.05 7.78 -19.49
N ASP B 274 -5.08 8.66 -20.49
CA ASP B 274 -4.98 10.13 -20.30
C ASP B 274 -6.24 10.63 -19.61
N PRO B 275 -6.16 11.09 -18.34
CA PRO B 275 -7.35 11.59 -17.65
C PRO B 275 -8.05 12.75 -18.39
N THR B 276 -7.26 13.59 -19.09
CA THR B 276 -7.75 14.81 -19.79
C THR B 276 -8.58 14.43 -21.01
N ALA B 277 -8.42 13.21 -21.54
CA ALA B 277 -9.12 12.73 -22.77
C ALA B 277 -10.51 12.21 -22.40
N ARG B 278 -10.76 11.94 -21.13
CA ARG B 278 -12.05 11.40 -20.65
C ARG B 278 -13.08 12.50 -20.68
N PRO B 279 -14.38 12.17 -20.86
CA PRO B 279 -15.46 13.14 -20.69
C PRO B 279 -15.45 13.63 -19.24
N THR B 280 -15.77 14.90 -19.01
CA THR B 280 -16.11 15.39 -17.65
C THR B 280 -17.45 14.76 -17.27
N ILE B 281 -17.82 14.84 -16.00
CA ILE B 281 -19.10 14.28 -15.51
C ILE B 281 -20.27 15.00 -16.20
N ASN B 282 -20.10 16.26 -16.59
CA ASN B 282 -21.16 17.06 -17.27
C ASN B 282 -21.31 16.59 -18.72
N GLU B 283 -20.21 16.23 -19.38
CA GLU B 283 -20.20 15.77 -20.79
C GLU B 283 -20.74 14.33 -20.86
N LEU B 284 -20.47 13.55 -19.82
CA LEU B 284 -20.96 12.15 -19.68
CA LEU B 284 -20.96 12.14 -19.69
C LEU B 284 -22.48 12.13 -19.88
N LEU B 285 -23.18 12.98 -19.12
CA LEU B 285 -24.65 13.05 -19.13
C LEU B 285 -25.17 13.35 -20.54
N ASN B 286 -24.41 14.11 -21.34
CA ASN B 286 -24.82 14.59 -22.70
C ASN B 286 -24.47 13.58 -23.79
N ASP B 287 -23.89 12.41 -23.47
CA ASP B 287 -23.54 11.39 -24.49
C ASP B 287 -24.82 10.86 -25.16
N GLU B 288 -24.73 10.48 -26.44
CA GLU B 288 -25.79 9.85 -27.25
C GLU B 288 -26.39 8.66 -26.50
N PHE B 289 -25.58 7.96 -25.69
CA PHE B 289 -26.04 6.82 -24.87
C PHE B 289 -27.27 7.23 -24.04
N PHE B 290 -27.22 8.43 -23.43
CA PHE B 290 -28.27 8.95 -22.52
C PHE B 290 -29.34 9.74 -23.30
N THR B 291 -28.94 10.59 -24.24
CA THR B 291 -29.85 11.54 -24.94
C THR B 291 -30.76 10.78 -25.91
N SER B 292 -30.28 9.70 -26.53
CA SER B 292 -30.97 8.97 -27.63
C SER B 292 -31.31 7.52 -27.25
N GLY B 293 -31.00 7.09 -26.03
CA GLY B 293 -31.38 5.74 -25.54
C GLY B 293 -32.63 5.79 -24.68
N TYR B 294 -33.45 4.74 -24.70
CA TYR B 294 -34.65 4.64 -23.82
C TYR B 294 -34.21 4.53 -22.35
N ILE B 295 -34.64 5.48 -21.51
CA ILE B 295 -34.43 5.48 -20.03
C ILE B 295 -35.77 5.22 -19.34
N PRO B 296 -35.97 4.05 -18.71
CA PRO B 296 -37.17 3.80 -17.93
C PRO B 296 -37.32 4.83 -16.79
N ALA B 297 -38.55 5.25 -16.54
CA ALA B 297 -38.93 6.17 -15.44
C ALA B 297 -38.71 5.46 -14.11
N ARG B 298 -38.99 4.15 -14.06
CA ARG B 298 -38.84 3.28 -12.86
C ARG B 298 -38.54 1.85 -13.31
N LEU B 299 -37.92 1.05 -12.42
CA LEU B 299 -37.74 -0.40 -12.66
C LEU B 299 -38.61 -1.18 -11.69
N PRO B 300 -39.32 -2.21 -12.17
CA PRO B 300 -40.10 -3.08 -11.30
C PRO B 300 -39.17 -3.92 -10.41
N ILE B 301 -39.68 -4.37 -9.26
CA ILE B 301 -38.88 -5.03 -8.21
C ILE B 301 -38.32 -6.38 -8.74
N THR B 302 -38.98 -6.99 -9.72
CA THR B 302 -38.56 -8.28 -10.35
C THR B 302 -37.16 -8.13 -10.98
N CYS B 303 -36.73 -6.91 -11.29
CA CYS B 303 -35.46 -6.68 -12.02
CA CYS B 303 -35.45 -6.62 -12.01
C CYS B 303 -34.26 -7.02 -11.13
N LEU B 304 -34.47 -7.19 -9.82
CA LEU B 304 -33.37 -7.67 -8.92
C LEU B 304 -33.00 -9.12 -9.27
N THR B 305 -33.90 -9.90 -9.88
CA THR B 305 -33.73 -11.36 -10.07
C THR B 305 -33.97 -11.82 -11.52
N ILE B 306 -34.75 -11.09 -12.32
CA ILE B 306 -35.12 -11.57 -13.69
C ILE B 306 -35.13 -10.39 -14.65
N PRO B 307 -34.73 -10.59 -15.93
CA PRO B 307 -34.61 -9.49 -16.89
C PRO B 307 -35.99 -8.98 -17.27
N PRO B 308 -36.23 -7.65 -17.19
CA PRO B 308 -37.54 -7.07 -17.45
C PRO B 308 -37.90 -7.10 -18.93
N ARG B 309 -39.19 -6.86 -19.24
CA ARG B 309 -39.74 -6.78 -20.62
C ARG B 309 -39.85 -5.31 -21.02
N PHE B 310 -39.31 -4.95 -22.18
CA PHE B 310 -39.40 -3.61 -22.82
C PHE B 310 -39.66 -3.78 -24.33
#